data_1OCI
#
_entry.id   1OCI
#
_cell.length_a   1.000
_cell.length_b   1.000
_cell.length_c   1.000
_cell.angle_alpha   90.00
_cell.angle_beta   90.00
_cell.angle_gamma   90.00
#
_symmetry.space_group_name_H-M   'P 1'
#
loop_
_entity.id
_entity.type
_entity.pdbx_description
1 polymer "5'-D(*CP*TP*GP*A TLBP*AP*TP*GP*CP)-3'"
2 polymer "5'-D(*GP*CP*AP*TP*AP*TP*CP*AP*GP)-3'"
#
loop_
_entity_poly.entity_id
_entity_poly.type
_entity_poly.pdbx_seq_one_letter_code
_entity_poly.pdbx_strand_id
1 'polydeoxyribonucleotide' (DC)(DT)(DG)(DA)(TLB)(DA)(DT)(DG)(DC) A
2 'polydeoxyribonucleotide' (DG)(DC)(DA)(DT)(DA)(DT)(DC)(DA)(DG) B
#
loop_
_chem_comp.id
_chem_comp.type
_chem_comp.name
_chem_comp.formula
DA DNA linking 2'-DEOXYADENOSINE-5'-MONOPHOSPHATE 'C10 H14 N5 O6 P'
DC DNA linking 2'-DEOXYCYTIDINE-5'-MONOPHOSPHATE 'C9 H14 N3 O7 P'
DG DNA linking 2'-DEOXYGUANOSINE-5'-MONOPHOSPHATE 'C10 H14 N5 O7 P'
DT DNA linking THYMIDINE-5'-MONOPHOSPHATE 'C10 H15 N2 O8 P'
TLB RNA linking 2'-O,3'-C-METHYLENE-ARABINOFURANOSYL-THYMINE-5'-MONOPHOSPHATE 'C11 H15 N2 O9 P'
#
# COMPACT_ATOMS: atom_id res chain seq x y z
O2P TLB A 5 5.16 -0.28 -2.33
P TLB A 5 3.72 -0.54 -2.56
O1P TLB A 5 3.30 -1.83 -3.15
O5' TLB A 5 2.95 -0.36 -1.16
C5' TLB A 5 3.31 0.65 -0.23
C4' TLB A 5 2.28 0.81 0.89
O4' TLB A 5 1.00 1.15 0.37
C3' TLB A 5 2.08 -0.36 1.87
O3' TLB A 5 3.04 -0.33 2.93
C2' TLB A 5 0.62 -0.18 2.25
O2' TLB A 5 0.29 -1.48 1.77
C1' TLB A 5 0.09 1.01 1.44
N1 TLB A 5 -1.30 0.81 0.97
C2 TLB A 5 -2.33 1.51 1.61
O2 TLB A 5 -2.16 2.26 2.57
N3 TLB A 5 -3.61 1.33 1.08
C4 TLB A 5 -3.94 0.51 0.01
O4 TLB A 5 -5.10 0.46 -0.37
C5 TLB A 5 -2.81 -0.21 -0.56
C5M TLB A 5 -3.02 -1.16 -1.73
C6 TLB A 5 -1.56 -0.04 -0.07
C9' TLB A 5 1.61 -1.72 1.33
H5'1 TLB A 5 3.39 1.60 -0.76
H5'2 TLB A 5 4.28 0.41 0.20
H3 TLB A 5 2.61 1.67 1.50
H2' TLB A 5 0.42 -0.08 3.30
H1' TLB A 5 0.16 1.91 2.07
HB TLB A 5 -4.34 1.85 1.52
H6 TLB A 5 -3.79 -0.77 -2.39
H5M1 TLB A 5 -2.10 -1.28 -2.29
H5M2 TLB A 5 -3.35 -2.12 -1.35
HA TLB A 5 -0.72 -0.57 -0.47
H9'1 TLB A 5 2.05 -2.58 1.82
H9'2 TLB A 5 1.67 -1.81 0.25
O2P TLB A 5 3.27 -1.77 -3.40
P TLB A 5 3.69 -0.46 -2.87
O1P TLB A 5 5.12 -0.16 -2.70
O5' TLB A 5 2.95 -0.21 -1.46
C5' TLB A 5 3.29 0.86 -0.62
C4' TLB A 5 2.26 1.08 0.51
O4' TLB A 5 0.96 1.30 -0.03
C3' TLB A 5 2.13 -0.04 1.56
O3' TLB A 5 3.09 0.13 2.62
C2' TLB A 5 0.66 0.09 1.94
O2' TLB A 5 0.40 -1.24 1.54
C1' TLB A 5 0.07 1.20 1.07
N1 TLB A 5 -1.32 0.92 0.63
C2 TLB A 5 -2.37 1.63 1.21
O2 TLB A 5 -2.22 2.43 2.13
N3 TLB A 5 -3.63 1.39 0.69
C4 TLB A 5 -3.94 0.51 -0.34
O4 TLB A 5 -5.10 0.41 -0.73
C5 TLB A 5 -2.80 -0.23 -0.86
C5M TLB A 5 -2.99 -1.25 -1.97
C6 TLB A 5 -1.55 0.00 -0.37
C9' TLB A 5 1.73 -1.46 1.13
H5'1 TLB A 5 3.32 1.78 -1.22
H5'2 TLB A 5 4.27 0.69 -0.18
H3 TLB A 5 2.56 1.98 1.03
H2' TLB A 5 0.45 0.26 2.98
H1' TLB A 5 0.10 2.14 1.62
HB TLB A 5 -4.39 1.91 1.09
H6 TLB A 5 -3.51 -2.11 -1.58
H5M1 TLB A 5 -3.58 -0.79 -2.78
H5M2 TLB A 5 -2.02 -1.55 -2.38
HA TLB A 5 -0.69 -0.54 -0.73
H9'1 TLB A 5 2.21 -2.25 1.70
H9'2 TLB A 5 1.79 -1.63 0.07
O2P TLB A 5 3.30 -1.81 -3.29
P TLB A 5 3.70 -0.51 -2.71
O1P TLB A 5 5.15 -0.23 -2.50
O5' TLB A 5 2.94 -0.32 -1.31
C5' TLB A 5 3.28 0.73 -0.43
C4' TLB A 5 2.24 0.91 0.69
O4' TLB A 5 0.96 1.19 0.16
C3' TLB A 5 2.07 -0.23 1.71
O3' TLB A 5 3.04 -0.15 2.77
C2' TLB A 5 0.60 -0.07 2.09
O2' TLB A 5 0.31 -1.39 1.66
C1' TLB A 5 0.05 1.07 1.24
N1 TLB A 5 -1.33 0.83 0.78
C2 TLB A 5 -2.39 1.53 1.38
O2 TLB A 5 -2.23 2.31 2.32
N3 TLB A 5 -3.65 1.30 0.86
C4 TLB A 5 -3.96 0.43 -0.18
O4 TLB A 5 -5.12 0.34 -0.57
C5 TLB A 5 -2.81 -0.29 -0.72
C5M TLB A 5 -3.01 -1.30 -1.85
C6 TLB A 5 -1.57 -0.08 -0.23
C9' TLB A 5 1.63 -1.62 1.22
H5'1 TLB A 5 3.33 1.66 -0.99
H5'2 TLB A 5 4.25 0.52 0.01
H3 TLB A 5 2.55 1.79 1.26
H2' TLB A 5 0.41 0.07 3.14
H1' TLB A 5 0.10 1.98 1.83
HB TLB A 5 -4.40 1.81 1.28
H6 TLB A 5 -2.07 -1.44 -2.39
H5M1 TLB A 5 -3.33 -2.25 -1.44
H5M2 TLB A 5 -3.77 -0.94 -2.54
HA TLB A 5 -0.71 -0.62 -0.60
H9'1 TLB A 5 2.09 -2.46 1.74
H9'2 TLB A 5 1.66 -1.74 0.15
O2P TLB A 5 3.44 -1.51 -3.10
P TLB A 5 3.78 -0.19 -2.54
O1P TLB A 5 5.21 0.18 -2.35
O5' TLB A 5 3.02 -0.03 -1.12
C5' TLB A 5 3.36 1.00 -0.21
C4' TLB A 5 2.37 1.11 0.94
O4' TLB A 5 1.06 1.39 0.47
C3' TLB A 5 2.25 -0.07 1.92
O3' TLB A 5 3.22 0.02 2.97
C2' TLB A 5 0.78 0.02 2.34
O2' TLB A 5 0.52 -1.28 1.84
C1' TLB A 5 0.19 1.20 1.56
N1 TLB A 5 -1.21 0.95 1.10
C2 TLB A 5 -2.26 1.63 1.73
O2 TLB A 5 -2.10 2.38 2.69
N3 TLB A 5 -3.52 1.43 1.19
C4 TLB A 5 -3.83 0.61 0.12
O4 TLB A 5 -5.00 0.54 -0.28
C5 TLB A 5 -2.69 -0.12 -0.43
C5M TLB A 5 -2.89 -1.08 -1.59
C6 TLB A 5 -1.45 0.08 0.06
C9' TLB A 5 1.85 -1.46 1.39
H5'1 TLB A 5 3.39 1.95 -0.74
H5'2 TLB A 5 4.36 0.80 0.19
H3 TLB A 5 2.68 1.97 1.54
H2' TLB A 5 0.61 0.11 3.39
H1' TLB A 5 0.21 2.08 2.19
HB TLB A 5 -4.27 1.94 1.62
H6 TLB A 5 -3.69 -0.73 -2.25
H5M1 TLB A 5 -1.97 -1.15 -2.18
H5M2 TLB A 5 -3.13 -2.06 -1.19
HA TLB A 5 -0.60 -0.45 -0.34
H9'1 TLB A 5 2.33 -2.30 1.88
H9'2 TLB A 5 1.89 -1.54 0.32
O2P TLB A 5 3.35 -1.62 -3.31
P TLB A 5 3.75 -0.34 -2.69
O1P TLB A 5 5.19 -0.07 -2.45
O5' TLB A 5 2.98 -0.20 -1.28
C5' TLB A 5 3.33 0.79 -0.34
C4' TLB A 5 2.30 0.91 0.79
O4' TLB A 5 1.02 1.24 0.29
C3' TLB A 5 2.13 -0.30 1.73
O3' TLB A 5 3.10 -0.28 2.78
C2' TLB A 5 0.65 -0.15 2.13
O2' TLB A 5 0.35 -1.43 1.61
C1' TLB A 5 0.11 1.06 1.36
N1 TLB A 5 -1.28 0.86 0.89
C2 TLB A 5 -2.32 1.51 1.56
O2 TLB A 5 -2.17 2.21 2.55
N3 TLB A 5 -3.59 1.32 1.02
C4 TLB A 5 -3.92 0.55 -0.08
O4 TLB A 5 -5.08 0.49 -0.46
C5 TLB A 5 -2.77 -0.13 -0.69
C5M TLB A 5 -2.97 -1.03 -1.88
C6 TLB A 5 -1.53 0.04 -0.18
C9' TLB A 5 1.67 -1.65 1.17
H5'1 TLB A 5 3.39 1.75 -0.84
H5'2 TLB A 5 4.30 0.55 0.09
H3 TLB A 5 2.62 1.74 1.41
H2' TLB A 5 0.47 -0.07 3.19
H1' TLB A 5 0.16 1.94 2.02
HB TLB A 5 -4.34 1.81 1.49
H6 TLB A 5 -3.28 -2.02 -1.54
H5M1 TLB A 5 -3.74 -0.63 -2.54
H5M2 TLB A 5 -2.05 -1.12 -2.45
HA TLB A 5 -0.68 -0.46 -0.61
H9'1 TLB A 5 2.12 -2.51 1.65
H9'2 TLB A 5 1.72 -1.72 0.09
O2P TLB A 5 3.20 -1.84 -3.49
P TLB A 5 3.63 -0.54 -2.91
O1P TLB A 5 5.07 -0.28 -2.69
O5' TLB A 5 2.86 -0.35 -1.51
C5' TLB A 5 3.21 0.69 -0.62
C4' TLB A 5 2.17 0.87 0.50
O4' TLB A 5 0.89 1.17 -0.02
C3' TLB A 5 2.00 -0.27 1.52
O3' TLB A 5 2.96 -0.17 2.58
C2' TLB A 5 0.52 -0.11 1.89
O2' TLB A 5 0.23 -1.43 1.45
C1' TLB A 5 -0.02 1.04 1.06
N1 TLB A 5 -1.42 0.81 0.60
C2 TLB A 5 -2.46 1.50 1.22
O2 TLB A 5 -2.29 2.27 2.17
N3 TLB A 5 -3.73 1.29 0.71
C4 TLB A 5 -4.05 0.46 -0.36
O4 TLB A 5 -5.22 0.38 -0.72
C5 TLB A 5 -2.91 -0.26 -0.92
C5M TLB A 5 -3.11 -1.22 -2.08
C6 TLB A 5 -1.66 -0.06 -0.43
C9' TLB A 5 1.56 -1.67 1.03
H5'1 TLB A 5 3.27 1.62 -1.16
H5'2 TLB A 5 4.18 0.48 -0.17
H3 TLB A 5 2.48 1.75 1.07
H2' TLB A 5 0.32 0.02 2.93
H1' TLB A 5 0.02 1.95 1.65
HB TLB A 5 -4.48 1.80 1.14
H6 TLB A 5 -2.20 -1.28 -2.68
H5M1 TLB A 5 -3.34 -2.21 -1.68
H5M2 TLB A 5 -3.93 -0.89 -2.71
HA TLB A 5 -0.81 -0.60 -0.82
H9'1 TLB A 5 2.00 -2.49 1.57
H9'2 TLB A 5 1.63 -1.79 -0.04
O2P TLB A 5 3.40 -1.73 -3.18
P TLB A 5 3.79 -0.42 -2.62
O1P TLB A 5 5.22 -0.11 -2.44
O5' TLB A 5 3.05 -0.24 -1.20
C5' TLB A 5 3.39 0.80 -0.32
C4' TLB A 5 2.37 0.97 0.81
O4' TLB A 5 1.08 1.23 0.30
C3' TLB A 5 2.22 -0.18 1.84
O3' TLB A 5 3.19 -0.05 2.90
C2' TLB A 5 0.75 -0.05 2.22
O2' TLB A 5 0.48 -1.37 1.78
C1' TLB A 5 0.18 1.10 1.39
N1 TLB A 5 -1.21 0.85 0.93
C2 TLB A 5 -2.25 1.58 1.53
O2 TLB A 5 -2.09 2.37 2.46
N3 TLB A 5 -3.52 1.37 1.00
C4 TLB A 5 -3.84 0.50 -0.03
O4 TLB A 5 -5.01 0.43 -0.43
C5 TLB A 5 -2.71 -0.26 -0.56
C5M TLB A 5 -2.92 -1.27 -1.66
C6 TLB A 5 -1.46 -0.06 -0.05
C9' TLB A 5 1.81 -1.58 1.35
H5'1 TLB A 5 3.43 1.74 -0.87
H5'2 TLB A 5 4.38 0.61 0.12
H3 TLB A 5 2.67 1.85 1.39
H2' TLB A 5 0.56 0.08 3.28
H1' TLB A 5 0.22 2.02 1.98
HB TLB A 5 -4.26 1.91 1.41
H6 TLB A 5 -1.97 -1.59 -2.08
H5M1 TLB A 5 -3.45 -2.15 -1.26
H5M2 TLB A 5 -3.53 -0.83 -2.45
HA TLB A 5 -0.62 -0.62 -0.43
H9'1 TLB A 5 2.29 -2.40 1.87
H9'2 TLB A 5 1.87 -1.69 0.27
O2P TLB A 5 3.30 -1.62 -3.17
P TLB A 5 3.68 -0.30 -2.61
O1P TLB A 5 5.11 0.01 -2.37
O5' TLB A 5 2.88 -0.12 -1.21
C5' TLB A 5 3.21 0.93 -0.31
C4' TLB A 5 2.19 1.05 0.83
O4' TLB A 5 0.89 1.35 0.33
C3' TLB A 5 2.04 -0.14 1.80
O3' TLB A 5 3.02 -0.08 2.84
C2' TLB A 5 0.57 -0.02 2.20
O2' TLB A 5 0.29 -1.31 1.71
C1' TLB A 5 -0.01 1.16 1.41
N1 TLB A 5 -1.39 0.92 0.94
C2 TLB A 5 -2.45 1.55 1.58
O2 TLB A 5 -2.31 2.30 2.55
N3 TLB A 5 -3.72 1.31 1.06
C4 TLB A 5 -4.01 0.48 -0.02
O4 TLB A 5 -5.18 0.38 -0.39
C5 TLB A 5 -2.85 -0.17 -0.61
C5M TLB A 5 -3.02 -1.12 -1.78
C6 TLB A 5 -1.60 0.06 -0.12
C9' TLB A 5 1.61 -1.52 1.25
H5'1 TLB A 5 3.23 1.87 -0.85
H5'2 TLB A 5 4.19 0.75 0.12
H3 TLB A 5 2.50 1.90 1.43
H2' TLB A 5 0.39 0.08 3.25
H1' TLB A 5 0.01 2.05 2.05
HB TLB A 5 -4.49 1.79 1.50
H6 TLB A 5 -3.30 -2.11 -1.41
H5M1 TLB A 5 -3.82 -0.76 -2.44
H5M2 TLB A 5 -2.10 -1.19 -2.36
HA TLB A 5 -0.74 -0.43 -0.54
H9'1 TLB A 5 2.09 -2.37 1.74
H9'2 TLB A 5 1.66 -1.60 0.18
O2P TLB A 5 3.22 -1.89 -3.56
P TLB A 5 3.66 -0.62 -2.96
O1P TLB A 5 5.09 -0.36 -2.74
O5' TLB A 5 2.89 -0.43 -1.55
C5' TLB A 5 3.23 0.62 -0.66
C4' TLB A 5 2.18 0.77 0.46
O4' TLB A 5 0.90 1.06 -0.06
C3' TLB A 5 2.03 -0.37 1.46
O3' TLB A 5 3.01 -0.30 2.50
C2' TLB A 5 0.55 -0.23 1.85
O2' TLB A 5 0.27 -1.54 1.40
C1' TLB A 5 0.00 0.93 1.02
N1 TLB A 5 -1.40 0.69 0.56
C2 TLB A 5 -2.44 1.38 1.18
O2 TLB A 5 -2.28 2.15 2.12
N3 TLB A 5 -3.71 1.15 0.67
C4 TLB A 5 -4.02 0.31 -0.39
O4 TLB A 5 -5.19 0.22 -0.77
C5 TLB A 5 -2.88 -0.40 -0.95
C5M TLB A 5 -3.07 -1.37 -2.10
C6 TLB A 5 -1.63 -0.20 -0.46
C9' TLB A 5 1.59 -1.77 0.97
H5'1 TLB A 5 3.28 1.55 -1.21
H5'2 TLB A 5 4.20 0.42 -0.22
H3 TLB A 5 2.49 1.65 1.03
H2' TLB A 5 0.37 -0.10 2.91
H1' TLB A 5 0.04 1.84 1.62
HB TLB A 5 -4.46 1.66 1.10
H6 TLB A 5 -2.14 -1.53 -2.64
H5M1 TLB A 5 -3.43 -2.33 -1.71
H5M2 TLB A 5 -3.81 -0.97 -2.81
HA TLB A 5 -0.77 -0.72 -0.86
H9'1 TLB A 5 2.05 -2.60 1.50
H9'2 TLB A 5 1.64 -1.88 -0.11
O2P TLB A 5 3.64 -1.37 -3.10
P TLB A 5 3.99 -0.06 -2.51
O1P TLB A 5 5.41 0.30 -2.29
O5' TLB A 5 3.20 0.08 -1.10
C5' TLB A 5 3.52 1.08 -0.16
C4' TLB A 5 2.49 1.16 0.98
O4' TLB A 5 1.20 1.45 0.47
C3' TLB A 5 2.36 -0.04 1.93
O3' TLB A 5 3.31 0.03 3.00
C2' TLB A 5 0.88 0.05 2.31
O2' TLB A 5 0.63 -1.24 1.78
C1' TLB A 5 0.31 1.25 1.54
N1 TLB A 5 -1.08 1.01 1.06
C2 TLB A 5 -2.14 1.67 1.69
O2 TLB A 5 -2.00 2.41 2.67
N3 TLB A 5 -3.40 1.46 1.16
C4 TLB A 5 -3.70 0.63 0.08
O4 TLB A 5 -4.87 0.56 -0.30
C5 TLB A 5 -2.55 -0.04 -0.50
C5M TLB A 5 -2.73 -0.99 -1.68
C6 TLB A 5 -1.31 0.16 0.01
C9' TLB A 5 1.97 -1.42 1.36
H5'1 TLB A 5 3.55 2.04 -0.67
H5'2 TLB A 5 4.51 0.88 0.26
H3 TLB A 5 2.79 2.02 1.59
H2' TLB A 5 0.68 0.11 3.36
H1' TLB A 5 0.33 2.12 2.19
HB TLB A 5 -4.16 1.95 1.60
H6 TLB A 5 -3.61 -0.72 -2.25
H5M1 TLB A 5 -1.86 -0.94 -2.33
H5M2 TLB A 5 -2.83 -2.01 -1.30
HA TLB A 5 -0.45 -0.35 -0.40
H9'1 TLB A 5 2.04 -1.49 0.28
H9'2 TLB A 5 2.43 -2.27 1.86
O2P TLB A 5 3.71 -1.22 -3.18
P TLB A 5 4.05 0.04 -2.50
O1P TLB A 5 5.48 0.34 -2.20
O5' TLB A 5 3.23 0.10 -1.11
C5' TLB A 5 3.54 1.04 -0.10
C4' TLB A 5 2.48 1.11 1.00
O4' TLB A 5 1.21 1.46 0.49
C3' TLB A 5 2.28 -0.15 1.88
O3' TLB A 5 3.22 -0.18 2.96
C2' TLB A 5 0.80 -0.02 2.23
O2' TLB A 5 0.51 -1.28 1.63
C1' TLB A 5 0.29 1.23 1.52
N1 TLB A 5 -1.10 1.06 1.01
C2 TLB A 5 -2.16 1.68 1.69
O2 TLB A 5 -2.00 2.37 2.70
N3 TLB A 5 -3.42 1.51 1.14
C4 TLB A 5 -3.73 0.75 0.02
O4 TLB A 5 -4.89 0.68 -0.36
C5 TLB A 5 -2.58 0.10 -0.61
C5M TLB A 5 -2.77 -0.77 -1.82
C6 TLB A 5 -1.33 0.27 -0.09
C9' TLB A 5 1.85 -1.48 1.23
H5'1 TLB A 5 3.61 2.03 -0.56
H5'2 TLB A 5 4.50 0.79 0.34
H3 TLB A 5 2.78 1.91 1.67
H2' TLB A 5 0.58 -0.01 3.29
H1' TLB A 5 0.32 2.07 2.22
HB TLB A 5 -4.17 1.97 1.62
H6 TLB A 5 -1.83 -0.82 -2.40
H5M1 TLB A 5 -3.05 -1.78 -1.52
H5M2 TLB A 5 -3.55 -0.36 -2.46
HA TLB A 5 -0.47 -0.21 -0.53
H9'1 TLB A 5 2.27 -2.37 1.69
H9'2 TLB A 5 1.95 -1.49 0.15
O2P TLB A 5 3.32 -1.76 -3.15
P TLB A 5 3.72 -0.44 -2.61
O1P TLB A 5 5.15 -0.12 -2.44
O5' TLB A 5 2.96 -0.24 -1.19
C5' TLB A 5 3.33 0.80 -0.31
C4' TLB A 5 2.32 0.97 0.84
O4' TLB A 5 1.02 1.26 0.33
C3' TLB A 5 2.18 -0.17 1.85
O3' TLB A 5 3.14 -0.06 2.91
C2' TLB A 5 0.70 -0.04 2.25
O2' TLB A 5 0.43 -1.35 1.81
C1' TLB A 5 0.14 1.11 1.42
N1 TLB A 5 -1.26 0.87 0.96
C2 TLB A 5 -2.30 1.59 1.57
O2 TLB A 5 -2.14 2.37 2.50
N3 TLB A 5 -3.56 1.39 1.03
C4 TLB A 5 -3.89 0.53 -0.01
O4 TLB A 5 -5.05 0.47 -0.40
C5 TLB A 5 -2.76 -0.22 -0.54
C5M TLB A 5 -2.97 -1.23 -1.66
C6 TLB A 5 -1.50 -0.03 -0.03
C9' TLB A 5 1.76 -1.57 1.36
H5'1 TLB A 5 3.37 1.74 -0.86
H5'2 TLB A 5 4.31 0.59 0.12
H3 TLB A 5 2.63 1.85 1.40
H2' TLB A 5 0.52 0.08 3.30
H1' TLB A 5 0.18 2.02 2.03
HB TLB A 5 -4.31 1.92 1.44
H6 TLB A 5 -2.04 -1.36 -2.22
H5M1 TLB A 5 -3.26 -2.19 -1.24
H5M2 TLB A 5 -3.74 -0.88 -2.34
HA TLB A 5 -0.66 -0.59 -0.41
H9'1 TLB A 5 2.22 -2.40 1.89
H9'2 TLB A 5 1.80 -1.69 0.29
O2P TLB A 5 3.33 -1.66 -3.18
P TLB A 5 3.71 -0.34 -2.65
O1P TLB A 5 5.13 0.02 -2.50
O5' TLB A 5 2.97 -0.15 -1.22
C5' TLB A 5 3.33 0.90 -0.35
C4' TLB A 5 2.32 1.07 0.81
O4' TLB A 5 1.01 1.30 0.31
C3' TLB A 5 2.22 -0.08 1.84
O3' TLB A 5 3.18 0.06 2.89
C2' TLB A 5 0.75 0.01 2.23
O2' TLB A 5 0.50 -1.32 1.81
C1' TLB A 5 0.15 1.15 1.40
N1 TLB A 5 -1.25 0.88 0.98
C2 TLB A 5 -2.29 1.60 1.58
O2 TLB A 5 -2.12 2.38 2.51
N3 TLB A 5 -3.56 1.37 1.08
C4 TLB A 5 -3.88 0.50 0.05
O4 TLB A 5 -5.05 0.43 -0.34
C5 TLB A 5 -2.75 -0.25 -0.49
C5M TLB A 5 -2.97 -1.28 -1.59
C6 TLB A 5 -1.50 -0.04 -0.01
C9' TLB A 5 1.82 -1.50 1.35
H5'1 TLB A 5 3.35 1.84 -0.91
H5'2 TLB A 5 4.32 0.72 0.06
H3 TLB A 5 2.62 1.96 1.35
H2' TLB A 5 0.57 0.15 3.30
H1' TLB A 5 0.18 2.07 2.00
HB TLB A 5 -4.31 1.90 1.49
H6 TLB A 5 -3.79 -0.96 -2.24
H5M1 TLB A 5 -2.06 -1.38 -2.19
H5M2 TLB A 5 -3.22 -2.24 -1.15
HA TLB A 5 -0.66 -0.60 -0.39
H9'1 TLB A 5 2.32 -2.30 1.87
H9'2 TLB A 5 1.87 -1.62 0.28
O2P TLB A 5 3.33 -1.69 -3.29
P TLB A 5 3.72 -0.40 -2.69
O1P TLB A 5 5.16 -0.09 -2.49
O5' TLB A 5 2.97 -0.27 -1.26
C5' TLB A 5 3.33 0.73 -0.33
C4' TLB A 5 2.31 0.87 0.81
O4' TLB A 5 1.02 1.16 0.31
C3' TLB A 5 2.16 -0.32 1.79
O3' TLB A 5 3.11 -0.26 2.85
C2' TLB A 5 0.69 -0.19 2.17
O2' TLB A 5 0.41 -1.49 1.68
C1' TLB A 5 0.13 0.99 1.39
N1 TLB A 5 -1.27 0.77 0.93
C2 TLB A 5 -2.31 1.46 1.55
O2 TLB A 5 -2.14 2.20 2.52
N3 TLB A 5 -3.57 1.27 1.03
C4 TLB A 5 -3.89 0.46 -0.06
O4 TLB A 5 -5.05 0.42 -0.46
C5 TLB A 5 -2.76 -0.26 -0.63
C5M TLB A 5 -2.97 -1.21 -1.79
C6 TLB A 5 -1.52 -0.09 -0.11
C9' TLB A 5 1.74 -1.70 1.24
H5'1 TLB A 5 3.39 1.69 -0.84
H5'2 TLB A 5 4.31 0.49 0.09
H3 TLB A 5 2.63 1.72 1.41
H2' TLB A 5 0.50 -0.11 3.23
H1' TLB A 5 0.17 1.88 2.02
HB TLB A 5 -4.32 1.79 1.47
H6 TLB A 5 -3.30 -2.18 -1.41
H5M1 TLB A 5 -3.73 -0.81 -2.46
H5M2 TLB A 5 -2.04 -1.34 -2.34
HA TLB A 5 -0.66 -0.63 -0.51
H9'1 TLB A 5 2.20 -2.54 1.73
H9'2 TLB A 5 1.79 -1.78 0.16
O2P TLB A 5 3.32 -1.71 -3.33
P TLB A 5 3.72 -0.40 -2.77
O1P TLB A 5 5.16 -0.09 -2.60
O5' TLB A 5 2.99 -0.23 -1.34
C5' TLB A 5 3.35 0.80 -0.44
C4' TLB A 5 2.34 0.97 0.69
O4' TLB A 5 1.04 1.24 0.18
C3' TLB A 5 2.19 -0.17 1.72
O3' TLB A 5 3.14 -0.06 2.77
C2' TLB A 5 0.72 -0.05 2.10
O2' TLB A 5 0.45 -1.37 1.64
C1' TLB A 5 0.15 1.10 1.27
N1 TLB A 5 -1.25 0.86 0.83
C2 TLB A 5 -2.28 1.57 1.44
O2 TLB A 5 -2.11 2.34 2.38
N3 TLB A 5 -3.55 1.36 0.93
C4 TLB A 5 -3.88 0.52 -0.12
O4 TLB A 5 -5.05 0.45 -0.51
C5 TLB A 5 -2.75 -0.21 -0.68
C5M TLB A 5 -2.96 -1.20 -1.81
C6 TLB A 5 -1.50 -0.02 -0.19
C9' TLB A 5 1.79 -1.58 1.23
H5'1 TLB A 5 3.40 1.75 -0.99
H5'2 TLB A 5 4.34 0.60 -0.02
H3 TLB A 5 2.64 1.85 1.26
H2' TLB A 5 0.52 0.07 3.15
H1' TLB A 5 0.20 2.02 1.87
HB TLB A 5 -4.30 1.88 1.36
H6 TLB A 5 -3.26 -2.17 -1.41
H5M1 TLB A 5 -3.74 -0.83 -2.49
H5M2 TLB A 5 -2.03 -1.32 -2.39
HA TLB A 5 -0.66 -0.56 -0.58
H9'1 TLB A 5 2.25 -2.40 1.76
H9'2 TLB A 5 1.85 -1.70 0.15
O2P TLB A 5 3.32 -1.69 -3.22
P TLB A 5 3.70 -0.37 -2.64
O1P TLB A 5 5.13 -0.05 -2.43
O5' TLB A 5 2.94 -0.21 -1.23
C5' TLB A 5 3.28 0.81 -0.32
C4' TLB A 5 2.27 0.94 0.83
O4' TLB A 5 0.97 1.24 0.35
C3' TLB A 5 2.14 -0.24 1.80
O3' TLB A 5 3.12 -0.18 2.84
C2' TLB A 5 0.66 -0.12 2.22
O2' TLB A 5 0.38 -1.42 1.74
C1' TLB A 5 0.08 1.06 1.44
N1 TLB A 5 -1.30 0.82 0.98
C2 TLB A 5 -2.36 1.49 1.61
O2 TLB A 5 -2.20 2.23 2.58
N3 TLB A 5 -3.62 1.28 1.09
C4 TLB A 5 -3.93 0.46 0.02
O4 TLB A 5 -5.10 0.39 -0.38
C5 TLB A 5 -2.79 -0.23 -0.57
C5M TLB A 5 -2.98 -1.19 -1.73
C6 TLB A 5 -1.54 -0.04 -0.07
C9' TLB A 5 1.70 -1.62 1.27
H5'1 TLB A 5 3.30 1.76 -0.85
H5'2 TLB A 5 4.27 0.61 0.09
H3 TLB A 5 2.58 1.80 1.43
H2' TLB A 5 0.49 -0.02 3.29
H1' TLB A 5 0.12 1.95 2.07
HB TLB A 5 -4.38 1.79 1.53
H6 TLB A 5 -3.77 -0.82 -2.38
H5M1 TLB A 5 -2.06 -1.28 -2.30
H5M2 TLB A 5 -3.26 -2.17 -1.35
HA TLB A 5 -0.68 -0.55 -0.48
H9'1 TLB A 5 2.18 -2.47 1.76
H9'2 TLB A 5 1.73 -1.70 0.19
O2P TLB A 5 3.48 -1.37 -2.96
P TLB A 5 3.82 -0.03 -2.42
O1P TLB A 5 5.24 0.35 -2.24
O5' TLB A 5 3.06 0.14 -1.00
C5' TLB A 5 3.40 1.17 -0.10
C4' TLB A 5 2.41 1.29 1.06
O4' TLB A 5 1.10 1.56 0.59
C3' TLB A 5 2.30 0.11 2.04
O3' TLB A 5 3.26 0.22 3.10
C2' TLB A 5 0.83 0.19 2.45
O2' TLB A 5 0.59 -1.12 1.96
C1' TLB A 5 0.23 1.35 1.67
N1 TLB A 5 -1.16 1.10 1.22
C2 TLB A 5 -2.22 1.76 1.84
O2 TLB A 5 -2.08 2.52 2.80
N3 TLB A 5 -3.49 1.53 1.32
C4 TLB A 5 -3.79 0.69 0.25
O4 TLB A 5 -4.95 0.60 -0.13
C5 TLB A 5 -2.63 0.00 -0.31
C5M TLB A 5 -2.82 -0.99 -1.46
C6 TLB A 5 -1.39 0.21 0.18
C9' TLB A 5 1.92 -1.28 1.52
H5'1 TLB A 5 3.42 2.12 -0.64
H5'2 TLB A 5 4.41 0.98 0.31
H3 TLB A 5 2.72 2.16 1.65
H2' TLB A 5 0.65 0.28 3.51
H1' TLB A 5 0.25 2.25 2.31
HB TLB A 5 -4.25 2.03 1.74
H6 TLB A 5 -1.89 -1.06 -2.04
H5M1 TLB A 5 -3.08 -1.96 -1.06
H5M2 TLB A 5 -3.61 -0.64 -2.12
HA TLB A 5 -0.54 -0.29 -0.23
H9'1 TLB A 5 2.41 -2.11 2.02
H9'2 TLB A 5 1.97 -1.38 0.44
O2P TLB A 5 3.42 -1.69 -3.23
P TLB A 5 3.80 -0.36 -2.69
O1P TLB A 5 5.24 -0.04 -2.51
O5' TLB A 5 3.05 -0.18 -1.27
C5' TLB A 5 3.40 0.87 -0.38
C4' TLB A 5 2.37 1.05 0.74
O4' TLB A 5 1.08 1.29 0.21
C3' TLB A 5 2.23 -0.07 1.79
O3' TLB A 5 3.17 0.08 2.85
C2' TLB A 5 0.75 0.04 2.16
O2' TLB A 5 0.50 -1.29 1.74
C1' TLB A 5 0.17 1.16 1.30
N1 TLB A 5 -1.22 0.90 0.85
C2 TLB A 5 -2.26 1.62 1.43
O2 TLB A 5 -2.11 2.42 2.34
N3 TLB A 5 -3.52 1.38 0.89
C4 TLB A 5 -3.84 0.50 -0.13
O4 TLB A 5 -4.99 0.42 -0.52
C5 TLB A 5 -2.69 -0.25 -0.64
C5M TLB A 5 -2.88 -1.27 -1.73
C6 TLB A 5 -1.45 -0.03 -0.13
C9' TLB A 5 1.84 -1.49 1.32
H5'1 TLB A 5 3.44 1.81 -0.95
H5'2 TLB A 5 4.37 0.69 0.05
H3 TLB A 5 2.65 1.95 1.28
H2' TLB A 5 0.55 0.19 3.21
H1' TLB A 5 0.21 2.09 1.87
HB TLB A 5 -4.27 1.93 1.29
H6 TLB A 5 -3.70 -0.98 -2.39
H5M1 TLB A 5 -1.98 -1.36 -2.34
H5M2 TLB A 5 -3.11 -2.24 -1.30
HA TLB A 5 -0.60 -0.59 -0.49
H9'1 TLB A 5 2.33 -2.29 1.87
H9'2 TLB A 5 1.91 -1.63 0.24
O2P TLB A 5 3.04 -2.05 -3.42
P TLB A 5 3.51 -0.77 -2.84
O1P TLB A 5 4.95 -0.53 -2.67
O5' TLB A 5 2.78 -0.58 -1.40
C5' TLB A 5 3.17 0.44 -0.52
C4' TLB A 5 2.17 0.64 0.63
O4' TLB A 5 0.87 0.94 0.14
C3' TLB A 5 2.01 -0.52 1.64
O3' TLB A 5 3.00 -0.45 2.67
C2' TLB A 5 0.55 -0.35 2.04
O2' TLB A 5 0.24 -1.66 1.61
C1' TLB A 5 -0.01 0.82 1.23
N1 TLB A 5 -1.41 0.61 0.80
C2 TLB A 5 -2.43 1.33 1.41
O2 TLB A 5 -2.24 2.10 2.36
N3 TLB A 5 -3.70 1.15 0.89
C4 TLB A 5 -4.04 0.33 -0.17
O4 TLB A 5 -5.21 0.29 -0.56
C5 TLB A 5 -2.93 -0.43 -0.73
C5M TLB A 5 -3.16 -1.40 -1.86
C6 TLB A 5 -1.68 -0.27 -0.22
C9' TLB A 5 1.55 -1.90 1.15
H5'1 TLB A 5 3.24 1.39 -1.07
H5'2 TLB A 5 4.15 0.21 -0.11
H3 TLB A 5 2.51 1.50 1.20
H2' TLB A 5 0.38 -0.21 3.11
H1' TLB A 5 0.06 1.72 1.83
HB TLB A 5 -4.44 1.70 1.32
H6 TLB A 5 -3.55 -2.34 -1.47
H5M1 TLB A 5 -3.90 -0.99 -2.57
H5M2 TLB A 5 -2.23 -1.58 -2.40
HA TLB A 5 -0.85 -0.83 -0.62
H9'1 TLB A 5 2.01 -2.73 1.66
H9'2 TLB A 5 1.58 -2.02 0.06
O2P TLB A 5 3.29 -1.63 -3.49
P TLB A 5 3.67 -0.31 -2.92
O1P TLB A 5 5.10 0.02 -2.75
O5' TLB A 5 2.94 -0.14 -1.50
C5' TLB A 5 3.26 0.91 -0.62
C4' TLB A 5 2.25 1.06 0.52
O4' TLB A 5 0.94 1.29 0.01
C3' TLB A 5 2.15 -0.09 1.54
O3' TLB A 5 3.10 0.06 2.59
C2' TLB A 5 0.66 0.00 1.93
O2' TLB A 5 0.43 -1.32 1.48
C1' TLB A 5 0.06 1.13 1.11
N1 TLB A 5 -1.33 0.86 0.68
C2 TLB A 5 -2.38 1.55 1.31
O2 TLB A 5 -2.21 2.32 2.26
N3 TLB A 5 -3.65 1.31 0.82
C4 TLB A 5 -3.97 0.47 -0.23
O4 TLB A 5 -5.14 0.38 -0.59
C5 TLB A 5 -2.84 -0.25 -0.81
C5M TLB A 5 -3.05 -1.23 -1.94
C6 TLB A 5 -1.57 -0.02 -0.33
C9' TLB A 5 1.77 -1.50 1.07
H5'1 TLB A 5 3.28 1.85 -1.18
H5'2 TLB A 5 4.26 0.74 -0.20
H3 TLB A 5 2.53 1.95 1.07
H2' TLB A 5 0.48 0.11 2.99
H1' TLB A 5 0.10 2.05 1.71
HB TLB A 5 -4.40 1.82 1.26
H6 TLB A 5 -2.11 -1.42 -2.45
H5M1 TLB A 5 -3.44 -2.15 -1.55
H5M2 TLB A 5 -3.75 -0.81 -2.66
HA TLB A 5 -0.73 -0.55 -0.74
H9'1 TLB A 5 2.25 -2.31 1.62
H9'2 TLB A 5 1.84 -1.64 -0.01
O2P TLB A 5 2.74 -2.16 -3.85
P TLB A 5 3.24 -0.91 -3.24
O1P TLB A 5 4.69 -0.72 -3.03
O5' TLB A 5 2.48 -0.70 -1.83
C5' TLB A 5 2.86 0.34 -0.95
C4' TLB A 5 1.84 0.53 0.18
O4' TLB A 5 0.56 0.86 -0.32
C3' TLB A 5 1.65 -0.64 1.17
O3' TLB A 5 2.65 -0.61 2.19
C2' TLB A 5 0.19 -0.45 1.58
O2' TLB A 5 -0.14 -1.74 1.13
C1' TLB A 5 -0.34 0.74 0.76
N1 TLB A 5 -1.75 0.52 0.32
C2 TLB A 5 -2.78 1.22 0.96
O2 TLB A 5 -2.61 1.97 1.91
N3 TLB A 5 -4.06 1.03 0.44
C4 TLB A 5 -4.39 0.23 -0.65
O4 TLB A 5 -5.55 0.19 -1.03
C5 TLB A 5 -3.25 -0.48 -1.24
C5M TLB A 5 -3.46 -1.40 -2.42
C6 TLB A 5 -2.00 -0.32 -0.73
C9' TLB A 5 1.17 -2.01 0.68
H5'1 TLB A 5 2.93 1.27 -1.51
H5'2 TLB A 5 3.83 0.11 -0.52
H3 TLB A 5 2.17 1.39 0.76
H2' TLB A 5 0.03 -0.31 2.63
H1' TLB A 5 -0.28 1.63 1.38
HB TLB A 5 -4.79 1.54 0.88
H6 TLB A 5 -4.26 -1.02 -3.06
H5M1 TLB A 5 -2.55 -1.48 -3.00
H5M2 TLB A 5 -3.75 -2.40 -2.06
HA TLB A 5 -1.16 -0.85 -1.14
H9'1 TLB A 5 1.61 -2.85 1.20
H9'2 TLB A 5 1.21 -2.13 -0.40
O2P TLB A 5 2.82 -2.12 -3.63
P TLB A 5 3.33 -0.86 -3.05
O1P TLB A 5 4.78 -0.65 -2.87
O5' TLB A 5 2.59 -0.63 -1.62
C5' TLB A 5 2.99 0.41 -0.75
C4' TLB A 5 1.98 0.62 0.38
O4' TLB A 5 0.70 0.95 -0.12
C3' TLB A 5 1.79 -0.53 1.39
O3' TLB A 5 2.79 -0.48 2.43
C2' TLB A 5 0.33 -0.34 1.79
O2' TLB A 5 0.00 -1.63 1.35
C1' TLB A 5 -0.20 0.84 0.97
N1 TLB A 5 -1.60 0.65 0.52
C2 TLB A 5 -2.62 1.37 1.16
O2 TLB A 5 -2.43 2.13 2.11
N3 TLB A 5 -3.90 1.21 0.63
C4 TLB A 5 -4.25 0.39 -0.44
O4 TLB A 5 -5.41 0.36 -0.82
C5 TLB A 5 -3.13 -0.35 -1.01
C5M TLB A 5 -3.37 -1.30 -2.17
C6 TLB A 5 -1.87 -0.20 -0.51
C9' TLB A 5 1.32 -1.91 0.91
H5'1 TLB A 5 3.07 1.33 -1.31
H5'2 TLB A 5 3.97 0.17 -0.32
H3 TLB A 5 2.33 1.48 0.95
H2' TLB A 5 0.16 -0.19 2.85
H1' TLB A 5 -0.12 1.76 1.57
HB TLB A 5 -4.64 1.74 1.08
H6 TLB A 5 -3.78 -2.24 -1.79
H5M1 TLB A 5 -4.07 -0.85 -2.88
H5M2 TLB A 5 -2.43 -1.51 -2.69
HA TLB A 5 -1.04 -0.76 -0.92
H9'1 TLB A 5 1.75 -2.75 1.45
H9'2 TLB A 5 1.36 -2.05 -0.16
O2P TLB A 5 2.94 -2.34 -3.56
P TLB A 5 3.43 -1.09 -2.97
O1P TLB A 5 4.89 -0.89 -2.78
O5' TLB A 5 2.71 -0.88 -1.54
C5' TLB A 5 3.10 0.16 -0.66
C4' TLB A 5 2.10 0.36 0.47
O4' TLB A 5 0.81 0.69 -0.03
C3' TLB A 5 1.91 -0.79 1.47
O3' TLB A 5 2.90 -0.74 2.52
C2' TLB A 5 0.44 -0.59 1.88
O2' TLB A 5 0.12 -1.89 1.45
C1' TLB A 5 -0.09 0.58 1.06
N1 TLB A 5 -1.49 0.39 0.61
C2 TLB A 5 -2.51 1.13 1.23
O2 TLB A 5 -2.31 1.89 2.18
N3 TLB A 5 -3.78 0.96 0.71
C4 TLB A 5 -4.13 0.14 -0.35
O4 TLB A 5 -5.30 0.12 -0.74
C5 TLB A 5 -3.03 -0.64 -0.89
C5M TLB A 5 -3.27 -1.64 -2.01
C6 TLB A 5 -1.77 -0.49 -0.40
C9' TLB A 5 1.42 -2.17 1.00
H5'1 TLB A 5 3.18 1.09 -1.21
H5'2 TLB A 5 4.08 -0.08 -0.23
H3 TLB A 5 2.43 1.23 1.05
H2' TLB A 5 0.28 -0.45 2.94
H1' TLB A 5 -0.01 1.49 1.66
HB TLB A 5 -4.51 1.51 1.13
H6 TLB A 5 -2.63 -2.52 -1.86
H5M1 TLB A 5 -4.31 -1.96 -2.02
H5M2 TLB A 5 -3.02 -1.18 -2.96
HA TLB A 5 -0.95 -1.07 -0.79
H9'1 TLB A 5 1.87 -3.00 1.52
H9'2 TLB A 5 1.44 -2.29 -0.09
O2P TLB A 5 3.52 -1.52 -3.44
P TLB A 5 3.90 -0.24 -2.80
O1P TLB A 5 5.33 0.05 -2.55
O5' TLB A 5 3.10 -0.12 -1.41
C5' TLB A 5 3.41 0.89 -0.47
C4' TLB A 5 2.35 1.00 0.63
O4' TLB A 5 1.08 1.30 0.10
C3' TLB A 5 2.19 -0.21 1.59
O3' TLB A 5 3.14 -0.16 2.65
C2' TLB A 5 0.71 -0.08 1.95
O2' TLB A 5 0.42 -1.36 1.43
C1' TLB A 5 0.16 1.12 1.17
N1 TLB A 5 -1.23 0.90 0.69
C2 TLB A 5 -2.28 1.54 1.33
O2 TLB A 5 -2.14 2.28 2.30
N3 TLB A 5 -3.55 1.32 0.81
C4 TLB A 5 -3.85 0.51 -0.27
O4 TLB A 5 -5.02 0.42 -0.65
C5 TLB A 5 -2.71 -0.15 -0.88
C5M TLB A 5 -2.89 -1.08 -2.06
C6 TLB A 5 -1.46 0.06 -0.38
C9' TLB A 5 1.77 -1.57 1.02
H5'1 TLB A 5 3.46 1.84 -0.99
H5'2 TLB A 5 4.38 0.69 -0.03
H3 TLB A 5 2.65 1.85 1.26
H2' TLB A 5 0.50 0.00 2.99
H1' TLB A 5 0.19 2.00 1.80
HB TLB A 5 -4.31 1.80 1.27
H6 TLB A 5 -1.96 -1.18 -2.62
H5M1 TLB A 5 -3.21 -2.07 -1.70
H5M2 TLB A 5 -3.66 -0.69 -2.72
HA TLB A 5 -0.60 -0.44 -0.79
H9'1 TLB A 5 2.20 -2.42 1.53
H9'2 TLB A 5 1.85 -1.65 -0.05
O2P TLB A 5 2.83 -2.13 -4.01
P TLB A 5 3.31 -0.86 -3.40
O1P TLB A 5 4.76 -0.67 -3.15
O5' TLB A 5 2.51 -0.65 -2.01
C5' TLB A 5 2.83 0.41 -1.13
C4' TLB A 5 1.80 0.59 -0.02
O4' TLB A 5 0.51 0.87 -0.54
C3' TLB A 5 1.63 -0.57 0.97
O3' TLB A 5 2.61 -0.52 2.01
C2' TLB A 5 0.16 -0.41 1.36
O2' TLB A 5 -0.15 -1.72 0.93
C1' TLB A 5 -0.40 0.75 0.53
N1 TLB A 5 -1.79 0.50 0.08
C2 TLB A 5 -2.85 1.15 0.73
O2 TLB A 5 -2.69 1.91 1.68
N3 TLB A 5 -4.11 0.91 0.22
C4 TLB A 5 -4.42 0.11 -0.88
O4 TLB A 5 -5.58 0.03 -1.25
C5 TLB A 5 -3.27 -0.56 -1.47
C5M TLB A 5 -3.46 -1.49 -2.65
C6 TLB A 5 -2.02 -0.36 -0.97
C9' TLB A 5 1.17 -1.96 0.49
H5'1 TLB A 5 2.90 1.34 -1.70
H5'2 TLB A 5 3.81 0.21 -0.67
H3 TLB A 5 2.10 1.46 0.56
H2' TLB A 5 -0.03 -0.25 2.41
H1' TLB A 5 -0.36 1.66 1.13
HB TLB A 5 -4.87 1.39 0.67
H6 TLB A 5 -4.06 -0.99 -3.41
H5M1 TLB A 5 -2.50 -1.76 -3.09
H5M2 TLB A 5 -3.97 -2.40 -2.32
HA TLB A 5 -1.15 -0.86 -1.37
H9'1 TLB A 5 1.64 -2.79 1.03
H9'2 TLB A 5 1.22 -2.09 -0.59
O2P TLB A 5 2.88 -2.00 -3.50
P TLB A 5 3.33 -0.68 -2.99
O1P TLB A 5 4.77 -0.40 -2.86
O5' TLB A 5 2.63 -0.42 -1.55
C5' TLB A 5 2.99 0.66 -0.74
C4' TLB A 5 2.01 0.87 0.42
O4' TLB A 5 0.71 1.11 -0.05
C3' TLB A 5 1.92 -0.25 1.48
O3' TLB A 5 2.92 -0.10 2.49
C2' TLB A 5 0.46 -0.11 1.92
O2' TLB A 5 0.18 -1.44 1.53
C1' TLB A 5 -0.16 1.01 1.07
N1 TLB A 5 -1.56 0.74 0.66
C2 TLB A 5 -2.59 1.44 1.27
O2 TLB A 5 -2.42 2.23 2.19
N3 TLB A 5 -3.87 1.21 0.77
C4 TLB A 5 -4.20 0.35 -0.26
O4 TLB A 5 -5.36 0.27 -0.64
C5 TLB A 5 -3.08 -0.41 -0.79
C5M TLB A 5 -3.29 -1.45 -1.88
C6 TLB A 5 -1.81 -0.19 -0.33
C9' TLB A 5 1.49 -1.66 1.05
H5'1 TLB A 5 3.01 1.57 -1.34
H5'2 TLB A 5 3.99 0.49 -0.34
H3 TLB A 5 2.34 1.78 0.95
H2' TLB A 5 0.31 0.06 2.97
H1' TLB A 5 -0.11 1.94 1.63
HB TLB A 5 -4.61 1.75 1.19
H6 TLB A 5 -4.26 -1.92 -1.75
H5M1 TLB A 5 -3.26 -0.96 -2.86
H5M2 TLB A 5 -2.52 -2.21 -1.83
HA TLB A 5 -0.97 -0.74 -0.71
H9'1 TLB A 5 2.00 -2.46 1.58
H9'2 TLB A 5 1.49 -1.82 -0.02
O2P TLB A 5 2.89 -2.07 -3.46
P TLB A 5 3.35 -0.77 -2.91
O1P TLB A 5 4.79 -0.52 -2.71
O5' TLB A 5 2.58 -0.51 -1.52
C5' TLB A 5 2.94 0.57 -0.67
C4' TLB A 5 1.92 0.78 0.46
O4' TLB A 5 0.64 1.07 -0.04
C3' TLB A 5 1.76 -0.36 1.49
O3' TLB A 5 2.76 -0.28 2.52
C2' TLB A 5 0.30 -0.18 1.90
O2' TLB A 5 -0.01 -1.50 1.50
C1' TLB A 5 -0.25 0.96 1.05
N1 TLB A 5 -1.65 0.72 0.61
C2 TLB A 5 -2.69 1.41 1.23
O2 TLB A 5 -2.53 2.19 2.17
N3 TLB A 5 -3.96 1.20 0.70
C4 TLB A 5 -4.28 0.36 -0.36
O4 TLB A 5 -5.45 0.30 -0.74
C5 TLB A 5 -3.14 -0.36 -0.91
C5M TLB A 5 -3.34 -1.34 -2.05
C6 TLB A 5 -1.89 -0.17 -0.41
C9' TLB A 5 1.29 -1.76 1.03
H5'1 TLB A 5 3.00 1.48 -1.26
H5'2 TLB A 5 3.93 0.37 -0.24
H3 TLB A 5 2.26 1.65 1.02
H2' TLB A 5 0.14 -0.01 2.95
H1' TLB A 5 -0.21 1.88 1.63
HB TLB A 5 -4.71 1.72 1.12
H6 TLB A 5 -4.10 -0.96 -2.75
H5M1 TLB A 5 -2.41 -1.49 -2.60
H5M2 TLB A 5 -3.68 -2.30 -1.65
HA TLB A 5 -1.04 -0.70 -0.80
H9'1 TLB A 5 1.76 -2.58 1.55
H9'2 TLB A 5 1.31 -1.89 -0.05
O2P TLB A 5 2.89 -2.15 -3.78
P TLB A 5 3.38 -0.87 -3.19
O1P TLB A 5 4.83 -0.65 -3.03
O5' TLB A 5 2.66 -0.68 -1.76
C5' TLB A 5 3.04 0.37 -0.89
C4' TLB A 5 2.02 0.56 0.26
O4' TLB A 5 0.73 0.84 -0.25
C3' TLB A 5 1.88 -0.57 1.28
O3' TLB A 5 2.87 -0.49 2.30
C2' TLB A 5 0.42 -0.42 1.69
O2' TLB A 5 0.12 -1.74 1.26
C1' TLB A 5 -0.16 0.72 0.84
N1 TLB A 5 -1.56 0.48 0.41
C2 TLB A 5 -2.59 1.19 1.01
O2 TLB A 5 -2.43 1.99 1.92
N3 TLB A 5 -3.87 0.95 0.51
C4 TLB A 5 -4.19 0.10 -0.53
O4 TLB A 5 -5.36 0.00 -0.90
C5 TLB A 5 -3.06 -0.63 -1.09
C5M TLB A 5 -3.26 -1.62 -2.22
C6 TLB A 5 -1.80 -0.42 -0.60
C9' TLB A 5 1.43 -1.98 0.82
H5'1 TLB A 5 3.10 1.29 -1.45
H5'2 TLB A 5 4.02 0.15 -0.46
H3 TLB A 5 2.35 1.44 0.81
H2' TLB A 5 0.25 -0.27 2.74
H1' TLB A 5 -0.11 1.64 1.43
HB TLB A 5 -4.62 1.49 0.92
H6 TLB A 5 -3.56 -2.58 -1.81
H5M1 TLB A 5 -4.03 -1.25 -2.90
H5M2 TLB A 5 -2.34 -1.74 -2.78
HA TLB A 5 -0.95 -0.96 -0.99
H9'1 TLB A 5 1.90 -2.78 1.37
H9'2 TLB A 5 1.47 -2.12 -0.26
O2P TLB A 5 3.16 -1.86 -3.67
P TLB A 5 3.56 -0.52 -3.18
O1P TLB A 5 4.99 -0.22 -2.95
O5' TLB A 5 2.74 -0.21 -1.83
C5' TLB A 5 3.01 0.94 -1.04
C4' TLB A 5 1.95 1.15 0.05
O4' TLB A 5 0.66 1.32 -0.50
C3' TLB A 5 1.83 0.08 1.15
O3' TLB A 5 2.80 0.31 2.19
C2' TLB A 5 0.35 0.20 1.51
O2' TLB A 5 0.13 -1.16 1.17
C1' TLB A 5 -0.24 1.25 0.59
N1 TLB A 5 -1.62 0.90 0.18
C2 TLB A 5 -2.70 1.55 0.79
O2 TLB A 5 -2.57 2.37 1.70
N3 TLB A 5 -3.96 1.22 0.30
C4 TLB A 5 -4.24 0.32 -0.71
O4 TLB A 5 -5.40 0.14 -1.06
C5 TLB A 5 -3.06 -0.34 -1.27
C5M TLB A 5 -3.21 -1.37 -2.37
C6 TLB A 5 -1.82 -0.04 -0.81
C9' TLB A 5 1.47 -1.37 0.78
H5'1 TLB A 5 3.02 1.81 -1.68
H5'2 TLB A 5 3.99 0.83 -0.57
H3 TLB A 5 2.22 2.09 0.55
H2' TLB A 5 0.13 0.41 2.54
H1' TLB A 5 -0.23 2.21 1.11
HB TLB A 5 -4.73 1.70 0.73
H6 TLB A 5 -3.51 -2.32 -1.93
H5M1 TLB A 5 -3.98 -1.05 -3.08
H5M2 TLB A 5 -2.28 -1.50 -2.90
HA TLB A 5 -0.94 -0.53 -1.19
H9'1 TLB A 5 1.95 -2.12 1.39
H9'2 TLB A 5 1.54 -1.58 -0.29
O2P TLB A 5 3.18 -1.75 -3.42
P TLB A 5 3.56 -0.41 -2.92
O1P TLB A 5 5.00 -0.07 -2.72
O5' TLB A 5 2.78 -0.15 -1.53
C5' TLB A 5 3.08 0.97 -0.71
C4' TLB A 5 2.05 1.14 0.42
O4' TLB A 5 0.75 1.34 -0.08
C3' TLB A 5 1.97 0.01 1.47
O3' TLB A 5 2.96 0.18 2.50
C2' TLB A 5 0.50 0.11 1.89
O2' TLB A 5 0.26 -1.23 1.51
C1' TLB A 5 -0.13 1.20 1.02
N1 TLB A 5 -1.51 0.86 0.60
C2 TLB A 5 -2.58 1.50 1.20
O2 TLB A 5 -2.47 2.30 2.12
N3 TLB A 5 -3.84 1.19 0.69
C4 TLB A 5 -4.11 0.30 -0.34
O4 TLB A 5 -5.28 0.14 -0.70
C5 TLB A 5 -2.94 -0.36 -0.89
C5M TLB A 5 -3.08 -1.37 -2.00
C6 TLB A 5 -1.70 -0.06 -0.40
C9' TLB A 5 1.58 -1.41 1.04
H5'1 TLB A 5 3.06 1.87 -1.33
H5'2 TLB A 5 4.08 0.84 -0.28
H3 TLB A 5 2.34 2.05 0.96
H2' TLB A 5 0.33 0.29 2.94
H1' TLB A 5 -0.14 2.14 1.58
HB TLB A 5 -4.62 1.67 1.11
H6 TLB A 5 -2.14 -1.48 -2.54
H5M1 TLB A 5 -3.36 -2.34 -1.57
H5M2 TLB A 5 -3.85 -1.06 -2.70
HA TLB A 5 -0.81 -0.55 -0.79
H9'1 TLB A 5 2.09 -2.20 1.58
H9'2 TLB A 5 1.60 -1.57 -0.03
O2P TLB A 5 2.96 -1.83 -3.80
P TLB A 5 3.39 -0.54 -3.24
O1P TLB A 5 4.83 -0.30 -2.95
O5' TLB A 5 2.57 -0.28 -1.88
C5' TLB A 5 2.85 0.83 -1.04
C4' TLB A 5 1.78 1.01 0.05
O4' TLB A 5 0.50 1.26 -0.49
C3' TLB A 5 1.63 -0.12 1.08
O3' TLB A 5 2.60 0.00 2.13
C2' TLB A 5 0.15 0.02 1.44
O2' TLB A 5 -0.11 -1.31 1.04
C1' TLB A 5 -0.41 1.15 0.57
N1 TLB A 5 -1.79 0.85 0.13
C2 TLB A 5 -2.87 1.47 0.76
O2 TLB A 5 -2.75 2.23 1.72
N3 TLB A 5 -4.13 1.20 0.25
C4 TLB A 5 -4.41 0.38 -0.84
O4 TLB A 5 -5.57 0.25 -1.21
C5 TLB A 5 -3.24 -0.26 -1.42
C5M TLB A 5 -3.38 -1.20 -2.60
C6 TLB A 5 -2.00 -0.02 -0.92
C9' TLB A 5 1.22 -1.53 0.64
H5'1 TLB A 5 2.88 1.73 -1.64
H5'2 TLB A 5 3.82 0.68 -0.57
H3 TLB A 5 2.07 1.91 0.60
H2' TLB A 5 -0.06 0.20 2.48
H1' TLB A 5 -0.39 2.08 1.15
HB TLB A 5 -4.91 1.65 0.69
H6 TLB A 5 -4.20 -0.87 -3.25
H5M1 TLB A 5 -2.46 -1.22 -3.19
H5M2 TLB A 5 -3.58 -2.21 -2.24
HA TLB A 5 -1.11 -0.50 -1.32
H9'1 TLB A 5 1.67 -2.32 1.21
H9'2 TLB A 5 1.29 -1.69 -0.45
O2P TLB A 5 2.83 -2.18 -3.73
P TLB A 5 3.30 -0.89 -3.19
O1P TLB A 5 4.76 -0.64 -3.04
O5' TLB A 5 2.59 -0.64 -1.76
C5' TLB A 5 2.95 0.44 -0.93
C4' TLB A 5 1.96 0.67 0.21
O4' TLB A 5 0.65 0.90 -0.29
C3' TLB A 5 1.84 -0.44 1.27
O3' TLB A 5 2.83 -0.29 2.29
C2' TLB A 5 0.38 -0.29 1.69
O2' TLB A 5 0.11 -1.64 1.32
C1' TLB A 5 -0.23 0.80 0.81
N1 TLB A 5 -1.62 0.52 0.39
C2 TLB A 5 -2.67 1.24 0.98
O2 TLB A 5 -2.50 2.05 1.88
N3 TLB A 5 -3.93 0.99 0.47
C4 TLB A 5 -4.25 0.11 -0.55
O4 TLB A 5 -5.41 0.03 -0.94
C5 TLB A 5 -3.12 -0.64 -1.06
C5M TLB A 5 -3.31 -1.68 -2.15
C6 TLB A 5 -1.87 -0.42 -0.58
C9' TLB A 5 1.42 -1.86 0.87
H5'1 TLB A 5 2.99 1.35 -1.53
H5'2 TLB A 5 3.95 0.26 -0.51
H3 TLB A 5 2.27 1.57 0.73
H2' TLB A 5 0.21 -0.11 2.73
H1' TLB A 5 -0.19 1.74 1.37
HB TLB A 5 -4.69 1.54 0.87
H6 TLB A 5 -2.48 -2.39 -2.16
H5M1 TLB A 5 -4.24 -2.22 -1.98
H5M2 TLB A 5 -3.37 -1.18 -3.12
HA TLB A 5 -1.01 -0.97 -0.94
H9'1 TLB A 5 1.92 -2.65 1.44
H9'2 TLB A 5 1.43 -2.03 -0.21
O2P TLB A 5 2.91 -2.09 -3.79
P TLB A 5 3.38 -0.83 -3.18
O1P TLB A 5 4.84 -0.62 -2.97
O5' TLB A 5 2.64 -0.63 -1.77
C5' TLB A 5 2.98 0.43 -0.89
C4' TLB A 5 1.95 0.62 0.22
O4' TLB A 5 0.66 0.89 -0.30
C3' TLB A 5 1.79 -0.53 1.24
O3' TLB A 5 2.77 -0.45 2.28
C2' TLB A 5 0.32 -0.38 1.63
O2' TLB A 5 0.02 -1.69 1.21
C1' TLB A 5 -0.24 0.78 0.79
N1 TLB A 5 -1.64 0.54 0.35
C2 TLB A 5 -2.67 1.24 0.97
O2 TLB A 5 -2.50 2.02 1.90
N3 TLB A 5 -3.94 1.03 0.46
C4 TLB A 5 -4.27 0.19 -0.60
O4 TLB A 5 -5.44 0.13 -0.98
C5 TLB A 5 -3.14 -0.54 -1.15
C5M TLB A 5 -3.37 -1.53 -2.29
C6 TLB A 5 -1.89 -0.35 -0.67
C9' TLB A 5 1.35 -1.93 0.77
H5'1 TLB A 5 3.04 1.36 -1.46
H5'2 TLB A 5 3.95 0.22 -0.45
H3 TLB A 5 2.26 1.49 0.79
H2' TLB A 5 0.14 -0.21 2.69
H1' TLB A 5 -0.18 1.69 1.38
HB TLB A 5 -4.69 1.55 0.89
H6 TLB A 5 -4.21 -2.17 -2.05
H5M1 TLB A 5 -3.58 -0.98 -3.21
H5M2 TLB A 5 -2.48 -2.14 -2.44
HA TLB A 5 -1.04 -0.90 -1.05
H9'1 TLB A 5 1.81 -2.75 1.32
H9'2 TLB A 5 1.39 -2.06 -0.31
O2P TLB A 5 2.76 -2.24 -3.42
P TLB A 5 3.21 -0.90 -2.98
O1P TLB A 5 4.66 -0.62 -2.85
O5' TLB A 5 2.49 -0.57 -1.57
C5' TLB A 5 2.85 0.57 -0.80
C4' TLB A 5 1.87 0.82 0.36
O4' TLB A 5 0.56 1.04 -0.12
C3' TLB A 5 1.80 -0.25 1.46
O3' TLB A 5 2.81 -0.05 2.45
C2' TLB A 5 0.34 -0.10 1.90
O2' TLB A 5 0.07 -1.46 1.61
C1' TLB A 5 -0.29 0.95 1.01
N1 TLB A 5 -1.69 0.64 0.62
C2 TLB A 5 -2.74 1.37 1.18
O2 TLB A 5 -2.58 2.21 2.07
N3 TLB A 5 -4.00 1.12 0.68
C4 TLB A 5 -4.32 0.20 -0.33
O4 TLB A 5 -5.48 0.10 -0.71
C5 TLB A 5 -3.18 -0.57 -0.81
C5M TLB A 5 -3.38 -1.64 -1.86
C6 TLB A 5 -1.93 -0.32 -0.32
C9' TLB A 5 1.38 -1.69 1.10
H5'1 TLB A 5 2.85 1.45 -1.45
H5'2 TLB A 5 3.86 0.43 -0.40
H3 TLB A 5 2.19 1.75 0.83
H2' TLB A 5 0.21 0.13 2.95
H1' TLB A 5 -0.26 1.91 1.53
HB TLB A 5 -4.76 1.67 1.06
H6 TLB A 5 -2.42 -1.97 -2.27
H5M1 TLB A 5 -3.90 -2.49 -1.42
H5M2 TLB A 5 -3.98 -1.23 -2.68
HA TLB A 5 -1.07 -0.88 -0.68
H9'1 TLB A 5 1.91 -2.46 1.64
H9'2 TLB A 5 1.35 -1.88 0.04
O2P TLB A 5 3.05 -2.02 -3.43
P TLB A 5 3.48 -0.70 -2.92
O1P TLB A 5 4.93 -0.42 -2.76
O5' TLB A 5 2.76 -0.45 -1.50
C5' TLB A 5 3.11 0.65 -0.67
C4' TLB A 5 2.10 0.86 0.47
O4' TLB A 5 0.80 1.09 -0.03
C3' TLB A 5 2.00 -0.24 1.54
O3' TLB A 5 2.98 -0.08 2.56
C2' TLB A 5 0.53 -0.11 1.96
O2' TLB A 5 0.27 -1.45 1.60
C1' TLB A 5 -0.07 0.98 1.09
N1 TLB A 5 -1.47 0.69 0.68
C2 TLB A 5 -2.51 1.40 1.26
O2 TLB A 5 -2.36 2.22 2.17
N3 TLB A 5 -3.78 1.15 0.75
C4 TLB A 5 -4.10 0.26 -0.26
O4 TLB A 5 -5.27 0.16 -0.64
C5 TLB A 5 -2.95 -0.48 -0.78
C5M TLB A 5 -3.16 -1.52 -1.86
C6 TLB A 5 -1.70 -0.25 -0.30
C9' TLB A 5 1.58 -1.66 1.12
H5'1 TLB A 5 3.13 1.55 -1.28
H5'2 TLB A 5 4.10 0.48 -0.25
H3 TLB A 5 2.41 1.77 0.99
H2' TLB A 5 0.37 0.09 3.01
H1' TLB A 5 -0.04 1.93 1.64
HB TLB A 5 -4.54 1.69 1.16
H6 TLB A 5 -2.21 -1.94 -2.18
H5M1 TLB A 5 -3.80 -2.32 -1.49
H5M2 TLB A 5 -3.65 -1.05 -2.72
HA TLB A 5 -0.85 -0.79 -0.67
H9'1 TLB A 5 2.09 -2.45 1.66
H9'2 TLB A 5 1.59 -1.82 0.05
O2P TLB A 5 3.19 -1.82 -3.53
P TLB A 5 3.57 -0.49 -3.02
O1P TLB A 5 5.00 -0.17 -2.81
O5' TLB A 5 2.78 -0.23 -1.63
C5' TLB A 5 3.07 0.90 -0.82
C4' TLB A 5 2.04 1.09 0.29
O4' TLB A 5 0.74 1.29 -0.23
C3' TLB A 5 1.93 -0.01 1.36
O3' TLB A 5 2.90 0.19 2.40
C2' TLB A 5 0.45 0.09 1.75
O2' TLB A 5 0.23 -1.25 1.38
C1' TLB A 5 -0.15 1.18 0.86
N1 TLB A 5 -1.54 0.84 0.44
C2 TLB A 5 -2.61 1.49 1.07
O2 TLB A 5 -2.47 2.29 2.00
N3 TLB A 5 -3.87 1.18 0.58
C4 TLB A 5 -4.15 0.30 -0.46
O4 TLB A 5 -5.32 0.16 -0.80
C5 TLB A 5 -2.99 -0.36 -1.02
C5M TLB A 5 -3.15 -1.38 -2.13
C6 TLB A 5 -1.75 -0.08 -0.55
C9' TLB A 5 1.55 -1.44 0.95
H5'1 TLB A 5 3.07 1.79 -1.45
H5'2 TLB A 5 4.06 0.78 -0.38
H3 TLB A 5 2.31 2.01 0.81
H2' TLB A 5 0.26 0.28 2.79
H1' TLB A 5 -0.15 2.12 1.41
HB TLB A 5 -4.64 1.66 1.02
H6 TLB A 5 -3.91 -1.02 -2.85
H5M1 TLB A 5 -2.22 -1.52 -2.66
H5M2 TLB A 5 -3.47 -2.33 -1.72
HA TLB A 5 -0.86 -0.57 -0.93
H9'1 TLB A 5 2.05 -2.22 1.52
H9'2 TLB A 5 1.60 -1.62 -0.12
O2P TLB A 5 2.95 -1.94 -3.51
P TLB A 5 3.42 -0.66 -2.92
O1P TLB A 5 4.86 -0.44 -2.66
O5' TLB A 5 2.62 -0.42 -1.54
C5' TLB A 5 2.95 0.64 -0.68
C4' TLB A 5 1.92 0.83 0.44
O4' TLB A 5 0.64 1.16 -0.08
C3' TLB A 5 1.72 -0.34 1.44
O3' TLB A 5 2.70 -0.29 2.47
C2' TLB A 5 0.25 -0.14 1.82
O2' TLB A 5 -0.08 -1.44 1.38
C1' TLB A 5 -0.27 1.04 0.99
N1 TLB A 5 -1.67 0.81 0.53
C2 TLB A 5 -2.72 1.48 1.16
O2 TLB A 5 -2.56 2.22 2.13
N3 TLB A 5 -3.97 1.27 0.64
C4 TLB A 5 -4.30 0.46 -0.44
O4 TLB A 5 -5.46 0.38 -0.82
C5 TLB A 5 -3.15 -0.23 -1.03
C5M TLB A 5 -3.34 -1.17 -2.21
C6 TLB A 5 -1.90 -0.03 -0.53
C9' TLB A 5 1.23 -1.70 0.93
H5'1 TLB A 5 3.03 1.56 -1.24
H5'2 TLB A 5 3.93 0.43 -0.22
H3 TLB A 5 2.24 1.69 1.03
H2' TLB A 5 0.07 0.01 2.87
H1' TLB A 5 -0.22 1.95 1.59
HB TLB A 5 -4.74 1.76 1.08
H6 TLB A 5 -2.40 -1.31 -2.74
H5M1 TLB A 5 -3.71 -2.12 -1.85
H5M2 TLB A 5 -4.06 -0.74 -2.91
HA TLB A 5 -1.05 -0.54 -0.93
H9'1 TLB A 5 1.67 -2.56 1.45
H9'2 TLB A 5 1.26 -1.81 -0.14
O2P TLB A 5 2.83 -2.09 -3.58
P TLB A 5 3.28 -0.78 -3.07
O1P TLB A 5 4.72 -0.51 -2.91
O5' TLB A 5 2.56 -0.53 -1.64
C5' TLB A 5 2.93 0.56 -0.81
C4' TLB A 5 1.94 0.76 0.35
O4' TLB A 5 0.63 1.00 -0.13
C3' TLB A 5 1.84 -0.35 1.41
O3' TLB A 5 2.83 -0.22 2.42
C2' TLB A 5 0.37 -0.22 1.83
O2' TLB A 5 0.10 -1.56 1.44
C1' TLB A 5 -0.23 0.89 0.97
N1 TLB A 5 -1.64 0.62 0.57
C2 TLB A 5 -2.67 1.34 1.18
O2 TLB A 5 -2.49 2.14 2.11
N3 TLB A 5 -3.95 1.12 0.68
C4 TLB A 5 -4.28 0.27 -0.36
O4 TLB A 5 -5.44 0.20 -0.74
C5 TLB A 5 -3.15 -0.49 -0.91
C5M TLB A 5 -3.37 -1.48 -2.02
C6 TLB A 5 -1.90 -0.29 -0.42
C9' TLB A 5 1.42 -1.77 0.97
H5'1 TLB A 5 2.95 1.47 -1.41
H5'2 TLB A 5 3.93 0.38 -0.40
H3 TLB A 5 2.25 1.66 0.87
H2' TLB A 5 0.22 -0.05 2.88
H1' TLB A 5 -0.19 1.82 1.54
HB TLB A 5 -4.69 1.66 1.10
H6 TLB A 5 -2.44 -1.66 -2.56
H5M1 TLB A 5 -3.75 -2.42 -1.61
H5M2 TLB A 5 -4.10 -1.08 -2.73
HA TLB A 5 -1.05 -0.84 -0.80
H9'1 TLB A 5 1.93 -2.56 1.52
H9'2 TLB A 5 1.43 -1.93 -0.10
O2P TLB A 5 3.07 -2.05 -3.42
P TLB A 5 3.51 -0.73 -2.90
O1P TLB A 5 4.96 -0.44 -2.75
O5' TLB A 5 2.80 -0.49 -1.47
C5' TLB A 5 3.15 0.58 -0.63
C4' TLB A 5 2.16 0.79 0.52
O4' TLB A 5 0.86 1.04 0.02
C3' TLB A 5 2.04 -0.32 1.58
O3' TLB A 5 3.02 -0.17 2.61
C2' TLB A 5 0.58 -0.18 2.00
O2' TLB A 5 0.30 -1.52 1.61
C1' TLB A 5 -0.02 0.93 1.13
N1 TLB A 5 -1.41 0.66 0.70
C2 TLB A 5 -2.45 1.41 1.27
O2 TLB A 5 -2.29 2.22 2.18
N3 TLB A 5 -3.72 1.20 0.73
C4 TLB A 5 -4.04 0.31 -0.29
O4 TLB A 5 -5.20 0.25 -0.69
C5 TLB A 5 -2.91 -0.47 -0.78
C5M TLB A 5 -3.11 -1.50 -1.88
C6 TLB A 5 -1.66 -0.27 -0.27
C9' TLB A 5 1.62 -1.73 1.15
H5'1 TLB A 5 3.19 1.50 -1.22
H5'2 TLB A 5 4.14 0.40 -0.21
H3 TLB A 5 2.47 1.69 1.05
H2' TLB A 5 0.41 -0.01 3.05
H1' TLB A 5 0.02 1.86 1.69
HB TLB A 5 -4.47 1.75 1.12
H6 TLB A 5 -3.93 -1.20 -2.52
H5M1 TLB A 5 -2.20 -1.59 -2.48
H5M2 TLB A 5 -3.34 -2.47 -1.42
HA TLB A 5 -0.82 -0.85 -0.63
H9'1 TLB A 5 2.11 -2.53 1.70
H9'2 TLB A 5 1.63 -1.90 0.08
O2P TLB A 5 2.91 -1.90 -3.87
P TLB A 5 3.33 -0.58 -3.34
O1P TLB A 5 4.77 -0.30 -3.14
O5' TLB A 5 2.56 -0.33 -1.94
C5' TLB A 5 2.89 0.77 -1.10
C4' TLB A 5 1.88 0.96 0.03
O4' TLB A 5 0.58 1.19 -0.47
C3' TLB A 5 1.77 -0.16 1.08
O3' TLB A 5 2.77 -0.02 2.10
C2' TLB A 5 0.31 -0.05 1.50
O2' TLB A 5 0.05 -1.38 1.10
C1' TLB A 5 -0.30 1.06 0.64
N1 TLB A 5 -1.70 0.75 0.22
C2 TLB A 5 -2.75 1.41 0.84
O2 TLB A 5 -2.61 2.20 1.78
N3 TLB A 5 -4.02 1.14 0.36
C4 TLB A 5 -4.32 0.29 -0.70
O4 TLB A 5 -5.49 0.17 -1.06
C5 TLB A 5 -3.17 -0.39 -1.28
C5M TLB A 5 -3.35 -1.36 -2.42
C6 TLB A 5 -1.92 -0.15 -0.80
C9' TLB A 5 1.37 -1.58 0.65
H5'1 TLB A 5 2.90 1.67 -1.71
H5'2 TLB A 5 3.88 0.62 -0.69
H3 TLB A 5 2.18 1.86 0.56
H2' TLB A 5 0.13 0.12 2.53
H1' TLB A 5 -0.28 1.99 1.20
HB TLB A 5 -4.79 1.62 0.80
H6 TLB A 5 -4.03 -0.95 -3.16
H5M1 TLB A 5 -2.39 -1.57 -2.91
H5M2 TLB A 5 -3.75 -2.30 -2.03
HA TLB A 5 -1.05 -0.64 -1.19
H9'1 TLB A 5 1.87 -2.37 1.21
H9'2 TLB A 5 1.40 -1.74 -0.43
#